data_3VNZ
#
_entry.id   3VNZ
#
_cell.length_a   101.271
_cell.length_b   101.271
_cell.length_c   217.768
_cell.angle_alpha   90.00
_cell.angle_beta   90.00
_cell.angle_gamma   90.00
#
_symmetry.space_group_name_H-M   'I 41 2 2'
#
loop_
_entity.id
_entity.type
_entity.pdbx_description
1 polymer beta-GLUCURONIDASE
2 non-polymer 'beta-D-glucopyranuronic acid'
3 non-polymer 'PHOSPHATE ION'
4 non-polymer GLYCEROL
5 water water
#
_entity_poly.entity_id   1
_entity_poly.type   'polypeptide(L)'
_entity_poly.pdbx_seq_one_letter_code
;MAFARGGLAQTASQTTSSPVRVGLSVDASALGHTIPPDYTGLSYEQAQMANPNYFSGANTQLAGFLRTLGRQGVLRIGGN
TSEYTFWNRHAKPTAADEHLAAGPDKGHHAAAREVITPEAVNNLSEFLDKTGWKLIYGLNLGKGTPENAADEAAYVMETI
GADRLLAFQLGNEPDLFYRNGIRPASYDFAAYAGDWQRFFTAIRKRVPNAPFAGPDTAYNTKWLVPFADKFKHDVKFISS
HYYAEGPPTDPSMTIERLMKPNPRLLGETAGLKQVEADTGLPFRLTETNSCYQGGKQGVSDTFAAALWAGDLMYQQAAAG
STGINFHGGGYGWYTPVAGTPEDGFIARPEYYGMLLFAQAGAGQLLGAKLTDNSAAPLLTAYALRGTDGRTRIALFNKNL
DADVEVAISGVASPSGTVLRLEAPRADDTTDVTFGGAPVGASGSWSPLVQEYVPGHSGQFVLHMRKASGALLEFAKLAAA
LQHHHHHH
;
_entity_poly.pdbx_strand_id   A
#
# COMPACT_ATOMS: atom_id res chain seq x y z
N SER A 18 -33.01 -8.78 -8.03
CA SER A 18 -32.55 -9.89 -7.14
C SER A 18 -31.05 -10.14 -7.30
N PRO A 19 -30.37 -10.59 -6.22
CA PRO A 19 -28.90 -10.68 -6.26
C PRO A 19 -28.39 -11.63 -7.32
N VAL A 20 -27.20 -11.35 -7.83
CA VAL A 20 -26.51 -12.29 -8.69
C VAL A 20 -25.94 -13.42 -7.84
N ARG A 21 -26.33 -14.66 -8.15
CA ARG A 21 -25.87 -15.82 -7.38
C ARG A 21 -24.59 -16.41 -7.94
N VAL A 22 -23.53 -16.28 -7.17
CA VAL A 22 -22.20 -16.64 -7.60
C VAL A 22 -21.69 -17.74 -6.67
N GLY A 23 -20.76 -18.56 -7.16
CA GLY A 23 -20.12 -19.58 -6.34
C GLY A 23 -18.71 -19.14 -5.97
N LEU A 24 -18.32 -19.41 -4.73
CA LEU A 24 -16.93 -19.24 -4.31
C LEU A 24 -16.43 -20.55 -3.75
N SER A 25 -15.50 -21.20 -4.46
CA SER A 25 -14.94 -22.48 -4.05
CA SER A 25 -14.95 -22.47 -4.02
C SER A 25 -13.57 -22.24 -3.41
N VAL A 26 -13.47 -22.41 -2.09
CA VAL A 26 -12.20 -22.33 -1.40
C VAL A 26 -11.47 -23.68 -1.45
N ASP A 27 -10.20 -23.66 -1.83
CA ASP A 27 -9.41 -24.88 -1.88
C ASP A 27 -8.20 -24.73 -0.98
N ALA A 28 -8.37 -25.15 0.27
CA ALA A 28 -7.32 -25.12 1.29
C ALA A 28 -6.08 -25.94 0.90
N SER A 29 -6.22 -26.85 -0.08
CA SER A 29 -5.06 -27.63 -0.54
C SER A 29 -4.21 -26.91 -1.60
N ALA A 30 -4.75 -25.86 -2.19
CA ALA A 30 -4.03 -25.07 -3.21
C ALA A 30 -3.42 -23.85 -2.55
N LEU A 31 -2.17 -23.99 -2.09
CA LEU A 31 -1.49 -22.92 -1.34
C LEU A 31 -0.94 -21.89 -2.30
N GLY A 32 -1.20 -20.62 -2.01
CA GLY A 32 -0.65 -19.54 -2.80
C GLY A 32 0.45 -18.84 -2.02
N HIS A 33 0.72 -17.58 -2.38
CA HIS A 33 1.78 -16.82 -1.72
C HIS A 33 1.48 -16.51 -0.27
N THR A 34 2.53 -16.36 0.51
CA THR A 34 2.43 -16.00 1.93
C THR A 34 2.36 -14.48 2.03
N ILE A 35 1.46 -13.99 2.86
CA ILE A 35 1.38 -12.57 3.19
C ILE A 35 2.25 -12.32 4.43
N PRO A 36 3.35 -11.58 4.27
CA PRO A 36 4.25 -11.33 5.40
C PRO A 36 3.69 -10.24 6.33
N PRO A 37 4.17 -10.19 7.59
CA PRO A 37 3.64 -9.18 8.49
C PRO A 37 3.93 -7.72 8.08
N ASP A 38 4.96 -7.49 7.29
CA ASP A 38 5.26 -6.11 6.85
C ASP A 38 4.73 -5.82 5.44
N TYR A 39 3.71 -6.58 5.00
CA TYR A 39 3.09 -6.31 3.70
C TYR A 39 2.59 -4.89 3.52
N THR A 40 1.86 -4.37 4.50
CA THR A 40 1.22 -3.09 4.35
C THR A 40 2.26 -1.97 4.42
N GLY A 41 1.89 -0.79 4.00
CA GLY A 41 2.81 0.34 4.00
C GLY A 41 2.20 1.59 3.42
N LEU A 42 2.93 2.70 3.61
CA LEU A 42 2.47 3.98 3.10
C LEU A 42 3.67 4.62 2.43
N SER A 43 3.38 5.55 1.52
CA SER A 43 4.42 6.36 0.88
C SER A 43 4.17 7.86 1.10
N TYR A 44 5.24 8.62 1.32
CA TYR A 44 5.14 10.08 1.51
C TYR A 44 6.25 10.76 0.70
N GLU A 45 6.03 12.04 0.39
CA GLU A 45 6.99 12.89 -0.31
C GLU A 45 8.19 13.15 0.59
N GLN A 46 9.38 13.02 0.02
CA GLN A 46 10.62 13.40 0.72
C GLN A 46 10.57 14.83 1.26
N ALA A 47 9.81 15.71 0.61
CA ALA A 47 9.65 17.10 1.05
C ALA A 47 9.10 17.15 2.50
N GLN A 48 8.41 16.09 2.92
CA GLN A 48 7.90 16.05 4.31
C GLN A 48 9.02 16.08 5.36
N MET A 49 10.20 15.60 4.99
CA MET A 49 11.37 15.61 5.88
C MET A 49 11.86 17.03 6.20
N ALA A 50 11.28 18.03 5.53
CA ALA A 50 11.64 19.43 5.82
C ALA A 50 11.00 19.89 7.12
N ASN A 51 9.95 19.17 7.56
CA ASN A 51 9.23 19.45 8.82
C ASN A 51 9.45 18.35 9.86
N PRO A 52 10.40 18.56 10.78
CA PRO A 52 10.75 17.50 11.74
C PRO A 52 9.62 17.15 12.71
N ASN A 53 8.52 17.91 12.71
CA ASN A 53 7.38 17.61 13.59
C ASN A 53 6.41 16.58 13.02
N TYR A 54 6.59 16.24 11.76
CA TYR A 54 5.62 15.38 11.11
C TYR A 54 5.96 13.92 11.42
N PHE A 55 7.11 13.43 10.96
CA PHE A 55 7.58 12.10 11.36
C PHE A 55 8.40 12.30 12.63
N SER A 56 7.72 12.22 13.77
CA SER A 56 8.30 12.53 15.07
C SER A 56 7.71 11.63 16.12
N GLY A 57 8.48 11.33 17.16
CA GLY A 57 7.94 10.61 18.31
C GLY A 57 6.77 11.33 18.97
N ALA A 58 6.71 12.65 18.84
CA ALA A 58 5.63 13.44 19.42
C ALA A 58 4.37 13.39 18.57
N ASN A 59 4.46 12.89 17.33
CA ASN A 59 3.26 12.76 16.49
C ASN A 59 2.56 11.44 16.81
N THR A 60 1.89 11.42 17.97
CA THR A 60 1.22 10.23 18.47
C THR A 60 -0.03 9.93 17.68
N GLN A 61 -0.65 10.95 17.08
CA GLN A 61 -1.85 10.67 16.27
C GLN A 61 -1.49 9.89 15.04
N LEU A 62 -0.55 10.41 14.25
CA LEU A 62 -0.18 9.66 13.03
C LEU A 62 0.38 8.27 13.32
N ALA A 63 1.21 8.16 14.36
CA ALA A 63 1.73 6.85 14.76
C ALA A 63 0.60 5.87 15.06
N GLY A 64 -0.47 6.34 15.72
CA GLY A 64 -1.61 5.46 16.00
C GLY A 64 -2.31 5.00 14.72
N PHE A 65 -2.48 5.89 13.76
CA PHE A 65 -3.07 5.46 12.48
C PHE A 65 -2.23 4.37 11.81
N LEU A 66 -0.90 4.48 11.87
CA LEU A 66 -0.02 3.44 11.31
C LEU A 66 -0.13 2.11 12.05
N ARG A 67 -0.13 2.17 13.38
CA ARG A 67 -0.21 0.94 14.15
C ARG A 67 -1.50 0.18 13.86
N THR A 68 -2.61 0.89 13.65
CA THR A 68 -3.90 0.27 13.31
C THR A 68 -3.83 -0.42 11.94
N LEU A 69 -3.06 0.18 11.02
CA LEU A 69 -2.82 -0.44 9.70
C LEU A 69 -1.97 -1.69 9.76
N GLY A 70 -1.12 -1.82 10.79
CA GLY A 70 -0.31 -3.00 10.95
C GLY A 70 0.70 -2.88 12.09
N ARG A 71 0.77 -3.94 12.89
CA ARG A 71 1.82 -4.16 13.87
C ARG A 71 3.19 -4.04 13.21
N GLN A 72 3.28 -4.50 11.97
CA GLN A 72 4.48 -4.31 11.17
C GLN A 72 4.03 -3.74 9.84
N GLY A 73 4.95 -3.11 9.12
CA GLY A 73 4.59 -2.42 7.89
C GLY A 73 5.76 -1.58 7.48
N VAL A 74 5.64 -0.89 6.34
CA VAL A 74 6.77 -0.10 5.83
C VAL A 74 6.39 1.33 5.51
N LEU A 75 7.23 2.25 6.00
CA LEU A 75 7.10 3.65 5.63
C LEU A 75 8.08 3.94 4.52
N ARG A 76 7.60 4.39 3.37
CA ARG A 76 8.48 4.73 2.25
C ARG A 76 8.46 6.25 2.03
N ILE A 77 9.67 6.81 1.94
CA ILE A 77 9.80 8.24 1.70
C ILE A 77 10.50 8.42 0.34
N GLY A 78 9.84 9.13 -0.57
CA GLY A 78 10.41 9.41 -1.92
C GLY A 78 9.57 10.37 -2.74
N GLY A 79 9.11 9.94 -3.92
CA GLY A 79 8.24 10.73 -4.75
C GLY A 79 9.00 11.77 -5.57
N ASN A 80 8.27 12.58 -6.31
CA ASN A 80 8.87 13.61 -7.15
C ASN A 80 9.75 14.56 -6.34
N THR A 81 9.35 14.81 -5.10
CA THR A 81 10.10 15.79 -4.30
C THR A 81 11.46 15.27 -3.85
N SER A 82 11.70 13.95 -3.94
CA SER A 82 13.00 13.39 -3.60
C SER A 82 14.13 13.86 -4.53
N GLU A 83 13.77 14.47 -5.66
CA GLU A 83 14.77 15.10 -6.55
C GLU A 83 15.08 16.54 -6.18
N TYR A 84 14.28 17.08 -5.26
CA TYR A 84 14.31 18.50 -4.96
C TYR A 84 14.59 18.75 -3.48
N THR A 85 14.97 17.69 -2.76
CA THR A 85 15.33 17.76 -1.35
C THR A 85 16.79 17.48 -1.17
N PHE A 86 17.43 18.32 -0.36
CA PHE A 86 18.87 18.30 -0.22
C PHE A 86 19.22 18.16 1.24
N TRP A 87 19.79 17.00 1.58
CA TRP A 87 20.36 16.79 2.90
C TRP A 87 21.47 17.80 3.14
N ASN A 88 21.45 18.43 4.31
CA ASN A 88 22.47 19.38 4.69
C ASN A 88 22.84 19.08 6.13
N ARG A 89 23.91 18.32 6.33
CA ARG A 89 24.38 17.99 7.67
C ARG A 89 24.68 19.24 8.52
N HIS A 90 24.97 20.36 7.85
CA HIS A 90 25.31 21.62 8.55
C HIS A 90 24.20 22.66 8.50
N ALA A 91 22.97 22.22 8.28
CA ALA A 91 21.87 23.18 8.28
C ALA A 91 21.68 23.74 9.69
N LYS A 92 21.33 25.03 9.78
CA LYS A 92 20.72 25.57 11.01
C LYS A 92 19.51 24.68 11.29
N PRO A 93 19.25 24.36 12.57
CA PRO A 93 18.04 23.60 12.86
C PRO A 93 16.79 24.35 12.40
N THR A 94 16.90 25.67 12.35
CA THR A 94 15.77 26.55 12.00
C THR A 94 15.49 26.62 10.48
N ALA A 95 16.33 25.95 9.70
CA ALA A 95 16.09 25.75 8.27
C ALA A 95 14.83 24.90 8.07
N ALA A 96 14.49 24.11 9.07
CA ALA A 96 13.24 23.35 9.07
C ALA A 96 11.99 24.25 8.86
N ASP A 97 11.02 23.73 8.10
CA ASP A 97 9.73 24.38 7.98
C ASP A 97 8.82 23.66 8.97
N GLU A 98 8.57 24.29 10.11
CA GLU A 98 7.90 23.63 11.25
C GLU A 98 6.41 23.41 11.02
N HIS A 99 5.87 24.01 9.95
CA HIS A 99 4.44 23.97 9.66
C HIS A 99 4.08 23.16 8.42
N LEU A 100 5.09 22.68 7.69
CA LEU A 100 4.82 22.03 6.41
C LEU A 100 4.13 20.67 6.56
N ALA A 101 2.96 20.53 5.93
CA ALA A 101 2.36 19.21 5.69
C ALA A 101 2.37 19.01 4.18
N ALA A 102 3.34 18.23 3.71
CA ALA A 102 3.65 18.10 2.28
C ALA A 102 2.72 17.09 1.65
N GLY A 103 1.77 17.56 0.86
CA GLY A 103 0.86 16.67 0.14
C GLY A 103 1.57 16.05 -1.06
N PRO A 104 0.99 14.99 -1.64
CA PRO A 104 1.60 14.39 -2.82
C PRO A 104 1.90 15.45 -3.87
N ASP A 105 3.04 15.34 -4.54
CA ASP A 105 3.41 16.25 -5.63
C ASP A 105 2.42 16.13 -6.79
N LYS A 106 2.04 17.24 -7.42
CA LYS A 106 1.00 17.16 -8.44
C LYS A 106 1.58 16.94 -9.84
N GLY A 107 2.91 16.91 -9.93
CA GLY A 107 3.64 16.54 -11.15
C GLY A 107 3.56 17.50 -12.33
N HIS A 108 3.09 18.73 -12.10
CA HIS A 108 2.94 19.71 -13.20
C HIS A 108 4.24 20.43 -13.53
N HIS A 109 5.09 20.61 -12.52
CA HIS A 109 6.37 21.27 -12.70
C HIS A 109 7.31 20.90 -11.56
N ALA A 110 8.57 21.32 -11.68
CA ALA A 110 9.56 21.16 -10.62
C ALA A 110 8.98 21.56 -9.25
N ALA A 111 9.20 20.74 -8.24
CA ALA A 111 8.79 21.06 -6.87
C ALA A 111 9.74 22.10 -6.29
N ALA A 112 9.29 22.81 -5.27
CA ALA A 112 10.16 23.70 -4.49
C ALA A 112 11.33 22.92 -3.92
N ARG A 113 12.53 23.50 -3.95
CA ARG A 113 13.65 22.85 -3.28
C ARG A 113 13.49 22.95 -1.76
N GLU A 114 13.96 21.93 -1.05
CA GLU A 114 13.80 21.85 0.40
C GLU A 114 15.07 21.28 0.99
N VAL A 115 15.36 21.65 2.21
CA VAL A 115 16.53 21.14 2.92
C VAL A 115 16.06 20.09 3.91
N ILE A 116 16.86 19.04 4.09
CA ILE A 116 16.63 18.08 5.16
C ILE A 116 17.68 18.27 6.26
N THR A 117 17.22 18.46 7.49
CA THR A 117 18.10 18.73 8.64
C THR A 117 18.38 17.46 9.45
N PRO A 118 19.50 17.42 10.20
CA PRO A 118 19.75 16.25 11.01
C PRO A 118 18.61 15.92 12.01
N GLU A 119 17.96 16.94 12.56
CA GLU A 119 16.87 16.67 13.51
C GLU A 119 15.67 15.95 12.86
N ALA A 120 15.42 16.24 11.59
CA ALA A 120 14.37 15.49 10.85
C ALA A 120 14.67 13.98 10.84
N VAL A 121 15.94 13.60 10.68
CA VAL A 121 16.27 12.19 10.70
C VAL A 121 16.18 11.59 12.09
N ASN A 122 16.62 12.36 13.08
CA ASN A 122 16.45 11.95 14.46
C ASN A 122 14.99 11.69 14.78
N ASN A 123 14.10 12.58 14.33
CA ASN A 123 12.69 12.47 14.69
C ASN A 123 12.05 11.31 13.92
N LEU A 124 12.51 11.10 12.69
CA LEU A 124 12.04 9.94 11.92
C LEU A 124 12.31 8.62 12.65
N SER A 125 13.53 8.46 13.19
CA SER A 125 13.85 7.31 14.04
C SER A 125 12.86 7.10 15.19
N GLU A 126 12.54 8.18 15.92
CA GLU A 126 11.54 8.10 17.00
C GLU A 126 10.19 7.61 16.51
N PHE A 127 9.76 8.14 15.37
CA PHE A 127 8.48 7.78 14.76
C PHE A 127 8.46 6.30 14.39
N LEU A 128 9.53 5.84 13.74
CA LEU A 128 9.64 4.41 13.44
C LEU A 128 9.60 3.54 14.72
N ASP A 129 10.25 3.99 15.78
CA ASP A 129 10.23 3.27 17.05
C ASP A 129 8.83 3.20 17.68
N LYS A 130 8.06 4.28 17.56
CA LYS A 130 6.72 4.31 18.10
C LYS A 130 5.75 3.46 17.31
N THR A 131 5.97 3.41 15.99
CA THR A 131 5.07 2.67 15.09
C THR A 131 5.42 1.20 14.97
N GLY A 132 6.70 0.83 15.12
CA GLY A 132 7.16 -0.52 14.85
C GLY A 132 7.36 -0.81 13.35
N TRP A 133 7.29 0.22 12.53
CA TRP A 133 7.44 0.05 11.07
C TRP A 133 8.90 0.18 10.63
N LYS A 134 9.20 -0.32 9.43
CA LYS A 134 10.54 -0.21 8.83
C LYS A 134 10.51 0.89 7.78
N LEU A 135 11.67 1.21 7.21
CA LEU A 135 11.81 2.40 6.38
C LEU A 135 12.43 2.08 5.01
N ILE A 136 11.80 2.61 3.96
CA ILE A 136 12.44 2.76 2.65
C ILE A 136 12.73 4.26 2.44
N TYR A 137 13.99 4.59 2.20
CA TYR A 137 14.40 5.99 2.18
C TYR A 137 15.00 6.42 0.83
N GLY A 138 14.37 7.40 0.19
CA GLY A 138 14.82 7.91 -1.11
C GLY A 138 16.05 8.81 -1.01
N LEU A 139 16.93 8.72 -2.01
CA LEU A 139 18.12 9.57 -2.09
C LEU A 139 18.10 10.35 -3.41
N ASN A 140 18.76 11.50 -3.44
CA ASN A 140 18.56 12.46 -4.51
C ASN A 140 19.50 12.24 -5.68
N LEU A 141 19.15 11.28 -6.54
CA LEU A 141 19.95 10.98 -7.73
C LEU A 141 19.62 11.92 -8.88
N GLY A 142 18.41 12.49 -8.85
CA GLY A 142 17.96 13.44 -9.89
C GLY A 142 18.73 14.77 -9.96
N LYS A 143 18.87 15.46 -8.83
CA LYS A 143 19.55 16.75 -8.81
C LYS A 143 20.72 16.86 -7.81
N GLY A 144 20.92 15.83 -7.02
CA GLY A 144 21.94 15.85 -5.96
C GLY A 144 23.27 15.27 -6.39
N THR A 145 24.28 15.44 -5.53
CA THR A 145 25.59 14.86 -5.80
C THR A 145 25.74 13.50 -5.14
N PRO A 146 26.64 12.66 -5.66
CA PRO A 146 27.02 11.37 -5.07
C PRO A 146 27.65 11.50 -3.67
N GLU A 147 28.50 12.51 -3.46
CA GLU A 147 29.11 12.69 -2.14
C GLU A 147 28.03 13.02 -1.11
N ASN A 148 27.10 13.90 -1.46
CA ASN A 148 26.04 14.27 -0.49
C ASN A 148 25.08 13.14 -0.20
N ALA A 149 24.77 12.31 -1.21
CA ALA A 149 24.01 11.08 -1.01
C ALA A 149 24.75 10.14 -0.06
N ALA A 150 26.06 10.04 -0.19
CA ALA A 150 26.84 9.17 0.70
C ALA A 150 26.81 9.69 2.15
N ASP A 151 26.86 11.02 2.29
CA ASP A 151 26.79 11.63 3.61
C ASP A 151 25.40 11.40 4.25
N GLU A 152 24.37 11.65 3.47
CA GLU A 152 22.98 11.45 3.89
C GLU A 152 22.75 10.01 4.32
N ALA A 153 23.17 9.07 3.47
CA ALA A 153 23.05 7.65 3.80
C ALA A 153 23.78 7.28 5.11
N ALA A 154 24.97 7.83 5.32
CA ALA A 154 25.70 7.62 6.59
C ALA A 154 24.90 8.05 7.83
N TYR A 155 24.32 9.24 7.78
CA TYR A 155 23.54 9.74 8.89
C TYR A 155 22.29 8.89 9.15
N VAL A 156 21.57 8.56 8.08
CA VAL A 156 20.35 7.76 8.19
C VAL A 156 20.67 6.38 8.76
N MET A 157 21.74 5.76 8.27
CA MET A 157 22.11 4.44 8.77
C MET A 157 22.48 4.47 10.26
N GLU A 158 23.21 5.52 10.65
CA GLU A 158 23.61 5.68 12.06
C GLU A 158 22.40 5.88 12.96
N THR A 159 21.45 6.67 12.47
CA THR A 159 20.35 7.20 13.28
C THR A 159 19.17 6.25 13.31
N ILE A 160 18.79 5.73 12.15
CA ILE A 160 17.66 4.80 12.02
C ILE A 160 18.11 3.38 12.41
N GLY A 161 19.35 3.03 12.06
CA GLY A 161 19.90 1.72 12.40
C GLY A 161 19.57 0.69 11.34
N ALA A 162 20.39 -0.37 11.29
CA ALA A 162 20.29 -1.40 10.25
C ALA A 162 19.05 -2.28 10.38
N ASP A 163 18.56 -2.46 11.61
CA ASP A 163 17.34 -3.23 11.87
C ASP A 163 16.10 -2.63 11.21
N ARG A 164 16.02 -1.31 11.14
CA ARG A 164 14.80 -0.65 10.65
C ARG A 164 14.93 -0.09 9.24
N LEU A 165 16.15 0.09 8.76
CA LEU A 165 16.36 0.58 7.41
C LEU A 165 16.28 -0.58 6.44
N LEU A 166 15.19 -0.61 5.69
CA LEU A 166 14.98 -1.68 4.73
C LEU A 166 15.79 -1.49 3.45
N ALA A 167 15.75 -0.27 2.89
CA ALA A 167 16.44 0.06 1.63
C ALA A 167 16.55 1.55 1.43
N PHE A 168 17.64 1.96 0.77
CA PHE A 168 17.71 3.23 0.11
C PHE A 168 17.24 3.04 -1.32
N GLN A 169 16.65 4.07 -1.89
CA GLN A 169 16.35 4.06 -3.31
C GLN A 169 16.95 5.26 -4.02
N LEU A 170 17.55 5.01 -5.19
CA LEU A 170 18.34 6.04 -5.84
C LEU A 170 17.57 6.69 -6.97
N GLY A 171 16.78 7.68 -6.60
CA GLY A 171 15.96 8.39 -7.55
C GLY A 171 14.57 7.79 -7.51
N ASN A 172 13.61 8.62 -7.86
CA ASN A 172 12.22 8.22 -7.94
C ASN A 172 11.76 8.28 -9.39
N GLU A 173 11.09 7.22 -9.85
CA GLU A 173 10.58 7.16 -11.22
C GLU A 173 11.58 7.67 -12.26
N PRO A 174 12.78 7.08 -12.32
CA PRO A 174 13.80 7.52 -13.27
C PRO A 174 13.41 7.34 -14.75
N ASP A 175 12.35 6.56 -15.00
CA ASP A 175 11.82 6.32 -16.35
C ASP A 175 11.03 7.52 -16.87
N LEU A 176 10.92 8.56 -16.04
CA LEU A 176 10.21 9.74 -16.46
C LEU A 176 11.15 10.93 -16.53
N PHE A 177 12.41 10.69 -16.21
CA PHE A 177 13.42 11.77 -16.16
C PHE A 177 13.55 12.41 -17.56
N TYR A 178 13.35 11.59 -18.60
CA TYR A 178 13.55 11.99 -20.00
C TYR A 178 12.50 13.00 -20.43
N ARG A 179 11.40 13.08 -19.70
CA ARG A 179 10.32 14.00 -20.09
C ARG A 179 9.94 15.09 -19.08
N ASN A 180 10.46 15.02 -17.85
CA ASN A 180 10.09 15.99 -16.82
C ASN A 180 11.18 17.03 -16.51
N GLY A 181 12.28 16.93 -17.24
CA GLY A 181 13.34 17.95 -17.18
C GLY A 181 14.50 17.61 -16.27
N ILE A 182 14.39 16.49 -15.55
CA ILE A 182 15.44 16.03 -14.67
C ILE A 182 16.64 15.54 -15.47
N ARG A 183 16.37 15.03 -16.68
CA ARG A 183 17.41 14.62 -17.61
C ARG A 183 17.02 15.07 -19.02
N PRO A 184 17.99 15.01 -19.97
CA PRO A 184 17.64 15.32 -21.36
C PRO A 184 16.73 14.24 -21.98
N ALA A 185 16.07 14.58 -23.08
CA ALA A 185 15.08 13.68 -23.71
C ALA A 185 15.68 12.34 -24.15
N SER A 186 17.00 12.27 -24.17
CA SER A 186 17.73 11.09 -24.61
C SER A 186 18.04 10.12 -23.50
N TYR A 187 17.73 10.50 -22.25
CA TYR A 187 17.95 9.62 -21.10
C TYR A 187 17.18 8.31 -21.26
N ASP A 188 17.84 7.20 -20.96
CA ASP A 188 17.26 5.87 -21.13
C ASP A 188 17.81 4.93 -20.07
N PHE A 189 17.45 3.66 -20.16
CA PHE A 189 17.87 2.73 -19.13
C PHE A 189 19.38 2.75 -18.94
N ALA A 190 20.14 2.64 -20.04
CA ALA A 190 21.60 2.58 -19.94
C ALA A 190 22.19 3.76 -19.15
N ALA A 191 21.65 4.95 -19.40
CA ALA A 191 22.11 6.16 -18.75
C ALA A 191 21.75 6.14 -17.25
N TYR A 192 20.52 5.72 -16.94
CA TYR A 192 20.13 5.55 -15.53
C TYR A 192 21.05 4.59 -14.80
N ALA A 193 21.37 3.48 -15.45
CA ALA A 193 22.27 2.46 -14.87
C ALA A 193 23.68 3.02 -14.68
N GLY A 194 24.03 4.03 -15.48
CA GLY A 194 25.30 4.75 -15.28
C GLY A 194 25.21 5.57 -14.00
N ASP A 195 24.21 6.45 -13.95
CA ASP A 195 23.88 7.22 -12.74
C ASP A 195 23.84 6.36 -11.46
N TRP A 196 23.10 5.25 -11.51
CA TRP A 196 22.86 4.38 -10.34
C TRP A 196 24.15 3.77 -9.81
N GLN A 197 25.01 3.31 -10.72
CA GLN A 197 26.28 2.70 -10.34
C GLN A 197 27.21 3.66 -9.60
N ARG A 198 27.27 4.91 -10.07
CA ARG A 198 28.09 5.96 -9.50
C ARG A 198 27.64 6.25 -8.05
N PHE A 199 26.35 6.50 -7.89
CA PHE A 199 25.78 6.75 -6.56
C PHE A 199 25.97 5.56 -5.61
N PHE A 200 25.63 4.35 -6.06
CA PHE A 200 25.87 3.12 -5.30
C PHE A 200 27.28 3.02 -4.73
N THR A 201 28.27 3.20 -5.60
CA THR A 201 29.67 3.06 -5.22
C THR A 201 30.06 4.10 -4.15
N ALA A 202 29.65 5.34 -4.37
CA ALA A 202 29.97 6.42 -3.43
C ALA A 202 29.37 6.11 -2.06
N ILE A 203 28.11 5.67 -2.05
CA ILE A 203 27.42 5.32 -0.81
C ILE A 203 28.08 4.16 -0.06
N ARG A 204 28.43 3.10 -0.78
CA ARG A 204 29.00 1.89 -0.16
C ARG A 204 30.40 2.11 0.43
N LYS A 205 31.15 3.05 -0.15
CA LYS A 205 32.46 3.45 0.35
C LYS A 205 32.33 3.99 1.79
N ARG A 206 31.35 4.88 1.98
CA ARG A 206 31.04 5.51 3.26
C ARG A 206 30.19 4.62 4.20
N VAL A 207 29.32 3.79 3.63
CA VAL A 207 28.41 2.92 4.39
C VAL A 207 28.39 1.51 3.78
N PRO A 208 29.32 0.62 4.22
CA PRO A 208 29.51 -0.70 3.60
C PRO A 208 28.29 -1.63 3.68
N ASN A 209 27.41 -1.36 4.63
CA ASN A 209 26.21 -2.17 4.83
C ASN A 209 24.92 -1.50 4.32
N ALA A 210 25.05 -0.46 3.50
CA ALA A 210 23.87 0.23 2.95
C ALA A 210 23.00 -0.71 2.09
N PRO A 211 21.71 -0.88 2.46
CA PRO A 211 20.79 -1.72 1.65
C PRO A 211 20.12 -0.94 0.56
N PHE A 212 19.83 -1.58 -0.58
CA PHE A 212 19.26 -0.87 -1.73
C PHE A 212 18.08 -1.60 -2.34
N ALA A 213 17.22 -0.83 -3.00
CA ALA A 213 16.17 -1.35 -3.82
C ALA A 213 16.02 -0.47 -5.03
N GLY A 214 15.48 -1.02 -6.12
CA GLY A 214 15.14 -0.18 -7.26
C GLY A 214 14.49 -1.02 -8.32
N PRO A 215 14.16 -0.42 -9.48
CA PRO A 215 14.46 0.96 -9.86
C PRO A 215 13.44 2.03 -9.48
N ASP A 216 12.37 1.67 -8.74
CA ASP A 216 11.39 2.66 -8.29
C ASP A 216 10.73 3.34 -9.50
N THR A 217 10.54 2.58 -10.58
CA THR A 217 9.97 3.09 -11.82
C THR A 217 8.49 3.45 -11.77
N ALA A 218 8.15 4.48 -12.55
CA ALA A 218 6.78 4.96 -12.67
C ALA A 218 5.87 3.93 -13.33
N TYR A 219 6.29 3.36 -14.46
CA TYR A 219 5.41 2.55 -15.32
C TYR A 219 6.19 1.57 -16.21
N ASN A 220 7.42 1.92 -16.58
CA ASN A 220 8.13 1.21 -17.65
C ASN A 220 8.70 -0.14 -17.22
N THR A 221 7.90 -1.20 -17.35
CA THR A 221 8.32 -2.56 -16.93
C THR A 221 9.53 -3.11 -17.68
N LYS A 222 9.87 -2.50 -18.82
CA LYS A 222 11.04 -2.91 -19.59
C LYS A 222 12.34 -2.67 -18.83
N TRP A 223 12.30 -1.77 -17.84
CA TRP A 223 13.48 -1.47 -17.04
C TRP A 223 13.70 -2.48 -15.93
N LEU A 224 12.66 -3.27 -15.61
CA LEU A 224 12.68 -4.12 -14.39
C LEU A 224 13.70 -5.24 -14.41
N VAL A 225 13.59 -6.15 -15.39
CA VAL A 225 14.54 -7.28 -15.48
C VAL A 225 15.98 -6.83 -15.79
N PRO A 226 16.17 -5.86 -16.71
CA PRO A 226 17.53 -5.32 -16.92
C PRO A 226 18.15 -4.75 -15.63
N PHE A 227 17.36 -4.01 -14.86
CA PHE A 227 17.84 -3.48 -13.58
C PHE A 227 18.21 -4.62 -12.63
N ALA A 228 17.31 -5.58 -12.48
CA ALA A 228 17.50 -6.73 -11.58
C ALA A 228 18.69 -7.60 -11.96
N ASP A 229 18.89 -7.80 -13.26
CA ASP A 229 20.04 -8.54 -13.77
C ASP A 229 21.33 -7.78 -13.51
N LYS A 230 21.37 -6.51 -13.93
CA LYS A 230 22.59 -5.69 -13.82
C LYS A 230 23.03 -5.52 -12.37
N PHE A 231 22.08 -5.34 -11.46
CA PHE A 231 22.42 -5.03 -10.05
C PHE A 231 21.98 -6.10 -9.05
N LYS A 232 21.93 -7.35 -9.50
CA LYS A 232 21.43 -8.46 -8.68
C LYS A 232 22.07 -8.58 -7.30
N HIS A 233 23.39 -8.40 -7.23
CA HIS A 233 24.12 -8.54 -5.97
C HIS A 233 24.11 -7.27 -5.11
N ASP A 234 23.53 -6.19 -5.65
CA ASP A 234 23.53 -4.89 -5.01
C ASP A 234 22.21 -4.53 -4.30
N VAL A 235 21.11 -5.17 -4.71
CA VAL A 235 19.77 -4.81 -4.18
C VAL A 235 19.10 -5.89 -3.31
N LYS A 236 18.20 -5.46 -2.41
CA LYS A 236 17.40 -6.37 -1.58
C LYS A 236 16.08 -6.82 -2.24
N PHE A 237 15.49 -5.92 -3.04
CA PHE A 237 14.26 -6.23 -3.76
C PHE A 237 14.05 -5.26 -4.90
N ILE A 238 13.13 -5.61 -5.79
CA ILE A 238 12.82 -4.81 -6.96
C ILE A 238 11.55 -4.02 -6.67
N SER A 239 11.49 -2.78 -7.15
CA SER A 239 10.35 -1.93 -6.92
C SER A 239 9.86 -1.23 -8.18
N SER A 240 8.55 -1.04 -8.25
CA SER A 240 7.90 -0.26 -9.29
C SER A 240 6.63 0.38 -8.76
N HIS A 241 5.99 1.23 -9.56
CA HIS A 241 4.86 2.00 -9.10
C HIS A 241 3.62 1.65 -9.90
N TYR A 242 2.49 2.10 -9.40
CA TYR A 242 1.23 1.92 -10.09
C TYR A 242 0.22 2.98 -9.71
N TYR A 243 -0.32 3.66 -10.72
CA TYR A 243 -1.46 4.53 -10.56
C TYR A 243 -2.56 4.08 -11.51
N ALA A 244 -3.77 3.93 -10.98
CA ALA A 244 -4.85 3.32 -11.76
C ALA A 244 -5.40 4.25 -12.85
N GLU A 245 -5.41 5.54 -12.57
CA GLU A 245 -6.09 6.56 -13.37
C GLU A 245 -5.27 7.84 -13.43
N GLY A 246 -5.67 8.72 -14.35
CA GLY A 246 -5.09 10.06 -14.44
C GLY A 246 -4.95 10.46 -15.92
N PRO A 247 -4.90 11.76 -16.21
CA PRO A 247 -4.98 12.84 -15.21
C PRO A 247 -6.38 13.10 -14.64
N PRO A 248 -6.44 13.83 -13.50
CA PRO A 248 -7.70 14.10 -12.82
C PRO A 248 -8.72 14.86 -13.63
N THR A 249 -8.27 15.67 -14.59
CA THR A 249 -9.17 16.55 -15.33
C THR A 249 -9.88 15.80 -16.47
N ASP A 250 -9.42 14.57 -16.72
CA ASP A 250 -9.93 13.73 -17.79
C ASP A 250 -11.28 13.10 -17.41
N PRO A 251 -12.35 13.44 -18.14
CA PRO A 251 -13.67 12.89 -17.85
C PRO A 251 -13.81 11.36 -17.92
N SER A 252 -12.83 10.67 -18.50
CA SER A 252 -12.85 9.20 -18.55
C SER A 252 -12.44 8.53 -17.24
N MET A 253 -11.88 9.33 -16.33
CA MET A 253 -11.33 8.83 -15.07
C MET A 253 -12.38 8.91 -13.97
N THR A 254 -13.08 7.80 -13.73
CA THR A 254 -14.28 7.82 -12.90
C THR A 254 -14.22 6.71 -11.85
N ILE A 255 -15.16 6.73 -10.91
CA ILE A 255 -15.28 5.59 -9.95
C ILE A 255 -15.45 4.23 -10.67
N GLU A 256 -16.37 4.14 -11.62
CA GLU A 256 -16.59 2.84 -12.28
C GLU A 256 -15.32 2.31 -12.92
N ARG A 257 -14.56 3.20 -13.57
CA ARG A 257 -13.33 2.75 -14.19
C ARG A 257 -12.35 2.21 -13.14
N LEU A 258 -12.34 2.84 -11.98
CA LEU A 258 -11.45 2.43 -10.89
C LEU A 258 -11.72 0.99 -10.41
N MET A 259 -12.99 0.56 -10.50
CA MET A 259 -13.42 -0.79 -10.08
C MET A 259 -12.96 -1.89 -11.06
N LYS A 260 -12.48 -1.48 -12.23
CA LYS A 260 -12.11 -2.43 -13.29
C LYS A 260 -10.62 -2.53 -13.51
N PRO A 261 -10.15 -3.71 -13.96
CA PRO A 261 -8.78 -3.88 -14.42
C PRO A 261 -8.54 -3.03 -15.67
N ASN A 262 -7.27 -2.82 -15.99
CA ASN A 262 -6.89 -2.01 -17.15
C ASN A 262 -5.53 -2.49 -17.64
N PRO A 263 -5.10 -2.06 -18.85
CA PRO A 263 -3.86 -2.57 -19.39
C PRO A 263 -2.64 -2.23 -18.53
N ARG A 264 -2.61 -1.06 -17.90
CA ARG A 264 -1.47 -0.72 -17.04
C ARG A 264 -1.30 -1.73 -15.91
N LEU A 265 -2.39 -2.01 -15.20
CA LEU A 265 -2.36 -2.99 -14.11
C LEU A 265 -1.92 -4.34 -14.62
N LEU A 266 -2.49 -4.75 -15.76
CA LEU A 266 -2.11 -6.04 -16.35
C LEU A 266 -0.60 -6.12 -16.64
N GLY A 267 -0.02 -5.06 -17.19
CA GLY A 267 1.41 -5.01 -17.48
C GLY A 267 2.30 -5.00 -16.24
N GLU A 268 1.91 -4.22 -15.23
CA GLU A 268 2.62 -4.20 -13.95
C GLU A 268 2.60 -5.59 -13.31
N THR A 269 1.43 -6.24 -13.36
CA THR A 269 1.29 -7.59 -12.81
C THR A 269 2.14 -8.61 -13.57
N ALA A 270 2.06 -8.59 -14.90
CA ALA A 270 2.95 -9.40 -15.71
C ALA A 270 4.41 -9.07 -15.35
N GLY A 271 4.68 -7.76 -15.23
CA GLY A 271 6.03 -7.27 -14.90
C GLY A 271 6.58 -7.85 -13.62
N LEU A 272 5.82 -7.77 -12.54
CA LEU A 272 6.31 -8.29 -11.25
C LEU A 272 6.51 -9.80 -11.28
N LYS A 273 5.59 -10.52 -11.91
CA LYS A 273 5.72 -11.96 -12.05
C LYS A 273 7.00 -12.31 -12.82
N GLN A 274 7.26 -11.60 -13.91
CA GLN A 274 8.46 -11.84 -14.70
C GLN A 274 9.74 -11.65 -13.89
N VAL A 275 9.87 -10.50 -13.20
CA VAL A 275 11.09 -10.23 -12.45
C VAL A 275 11.33 -11.26 -11.32
N GLU A 276 10.27 -11.69 -10.66
CA GLU A 276 10.39 -12.71 -9.62
C GLU A 276 10.78 -14.06 -10.20
N ALA A 277 10.13 -14.45 -11.29
CA ALA A 277 10.44 -15.70 -12.00
C ALA A 277 11.86 -15.71 -12.58
N ASP A 278 12.25 -14.63 -13.28
CA ASP A 278 13.54 -14.59 -13.96
C ASP A 278 14.76 -14.35 -13.07
N THR A 279 14.55 -13.74 -11.89
CA THR A 279 15.68 -13.33 -11.06
C THR A 279 15.64 -13.91 -9.64
N GLY A 280 14.46 -14.31 -9.18
CA GLY A 280 14.30 -14.77 -7.81
C GLY A 280 14.35 -13.67 -6.75
N LEU A 281 14.37 -12.41 -7.18
CA LEU A 281 14.29 -11.28 -6.23
C LEU A 281 12.82 -10.95 -5.92
N PRO A 282 12.52 -10.61 -4.64
CA PRO A 282 11.20 -10.14 -4.28
C PRO A 282 10.87 -8.80 -4.93
N PHE A 283 9.57 -8.57 -5.13
CA PHE A 283 9.08 -7.33 -5.66
C PHE A 283 8.27 -6.65 -4.56
N ARG A 284 8.35 -5.32 -4.53
CA ARG A 284 7.45 -4.46 -3.71
C ARG A 284 6.88 -3.28 -4.53
N LEU A 285 5.58 -3.04 -4.39
CA LEU A 285 4.92 -1.93 -5.08
C LEU A 285 5.10 -0.72 -4.17
N THR A 286 6.16 0.05 -4.40
CA THR A 286 6.63 1.04 -3.41
C THR A 286 5.93 2.39 -3.50
N GLU A 287 5.10 2.57 -4.52
CA GLU A 287 4.27 3.76 -4.62
C GLU A 287 3.06 3.48 -5.50
N THR A 288 1.89 3.65 -4.91
CA THR A 288 0.67 3.44 -5.62
C THR A 288 -0.43 4.30 -5.08
N ASN A 289 -1.30 4.78 -5.96
CA ASN A 289 -2.60 5.22 -5.56
C ASN A 289 -3.56 5.27 -6.73
N SER A 290 -4.73 5.83 -6.50
CA SER A 290 -5.90 5.70 -7.41
C SER A 290 -5.80 6.51 -8.70
N CYS A 291 -5.21 7.71 -8.59
CA CYS A 291 -5.14 8.63 -9.73
C CYS A 291 -3.96 9.56 -9.54
N TYR A 292 -3.13 9.70 -10.57
CA TYR A 292 -1.93 10.56 -10.43
C TYR A 292 -2.24 12.07 -10.54
N GLN A 293 -1.19 12.89 -10.65
CA GLN A 293 -1.28 14.34 -10.46
C GLN A 293 -2.07 14.70 -9.19
N GLY A 294 -1.81 13.93 -8.14
CA GLY A 294 -2.36 14.27 -6.85
C GLY A 294 -3.78 13.81 -6.60
N GLY A 295 -4.30 12.98 -7.51
CA GLY A 295 -5.65 12.43 -7.34
C GLY A 295 -6.82 13.23 -7.84
N LYS A 296 -8.00 12.60 -7.86
CA LYS A 296 -9.16 13.23 -8.43
C LYS A 296 -10.28 13.38 -7.45
N GLN A 297 -10.71 14.62 -7.25
CA GLN A 297 -11.85 14.90 -6.37
C GLN A 297 -13.10 14.22 -6.92
N GLY A 298 -13.79 13.50 -6.05
CA GLY A 298 -15.03 12.78 -6.42
C GLY A 298 -14.72 11.38 -6.89
N VAL A 299 -13.45 11.01 -6.83
CA VAL A 299 -13.02 9.65 -7.13
C VAL A 299 -12.07 9.14 -6.06
N SER A 300 -10.89 9.77 -5.97
CA SER A 300 -9.82 9.33 -5.06
C SER A 300 -10.23 9.46 -3.56
N ASP A 301 -11.04 10.46 -3.24
CA ASP A 301 -11.47 10.76 -1.85
C ASP A 301 -12.80 10.09 -1.49
N THR A 302 -13.18 9.04 -2.23
CA THR A 302 -14.50 8.43 -2.02
C THR A 302 -14.38 6.99 -1.51
N PHE A 303 -15.50 6.49 -1.00
CA PHE A 303 -15.59 5.11 -0.53
C PHE A 303 -15.11 4.12 -1.59
N ALA A 304 -15.40 4.37 -2.87
CA ALA A 304 -14.84 3.54 -3.95
C ALA A 304 -13.36 3.22 -3.77
N ALA A 305 -12.56 4.22 -3.33
CA ALA A 305 -11.12 4.03 -3.12
C ALA A 305 -10.78 3.00 -2.05
N ALA A 306 -11.68 2.82 -1.07
CA ALA A 306 -11.51 1.75 -0.05
C ALA A 306 -11.58 0.37 -0.71
N LEU A 307 -12.57 0.18 -1.57
CA LEU A 307 -12.68 -1.07 -2.32
C LEU A 307 -11.51 -1.28 -3.23
N TRP A 308 -11.12 -0.21 -3.94
CA TRP A 308 -10.00 -0.28 -4.87
C TRP A 308 -8.74 -0.73 -4.12
N ALA A 309 -8.42 -0.03 -3.02
CA ALA A 309 -7.15 -0.28 -2.32
C ALA A 309 -7.11 -1.65 -1.66
N GLY A 310 -8.18 -2.04 -0.97
CA GLY A 310 -8.25 -3.35 -0.33
C GLY A 310 -8.06 -4.47 -1.34
N ASP A 311 -8.80 -4.38 -2.43
CA ASP A 311 -8.67 -5.37 -3.50
C ASP A 311 -7.27 -5.39 -4.11
N LEU A 312 -6.66 -4.21 -4.30
CA LEU A 312 -5.32 -4.14 -4.90
C LEU A 312 -4.31 -4.83 -3.99
N MET A 313 -4.42 -4.61 -2.68
CA MET A 313 -3.50 -5.27 -1.77
C MET A 313 -3.52 -6.80 -1.97
N TYR A 314 -4.71 -7.39 -2.05
CA TYR A 314 -4.85 -8.83 -2.21
C TYR A 314 -4.43 -9.33 -3.60
N GLN A 315 -4.85 -8.61 -4.63
CA GLN A 315 -4.51 -9.00 -6.00
C GLN A 315 -2.99 -9.01 -6.19
N GLN A 316 -2.33 -7.96 -5.72
CA GLN A 316 -0.87 -7.90 -5.80
C GLN A 316 -0.20 -9.03 -5.03
N ALA A 317 -0.66 -9.31 -3.80
CA ALA A 317 -0.12 -10.39 -3.00
C ALA A 317 -0.31 -11.76 -3.69
N ALA A 318 -1.48 -11.96 -4.26
CA ALA A 318 -1.76 -13.20 -5.01
C ALA A 318 -0.82 -13.41 -6.21
N ALA A 319 -0.41 -12.29 -6.84
CA ALA A 319 0.50 -12.32 -7.99
C ALA A 319 1.96 -12.47 -7.57
N GLY A 320 2.24 -12.22 -6.29
CA GLY A 320 3.59 -12.43 -5.75
C GLY A 320 4.24 -11.22 -5.12
N SER A 321 3.56 -10.08 -5.11
CA SER A 321 4.14 -8.91 -4.44
C SER A 321 4.35 -9.20 -2.94
N THR A 322 5.44 -8.66 -2.39
CA THR A 322 5.76 -8.82 -0.98
C THR A 322 5.29 -7.62 -0.13
N GLY A 323 4.79 -6.57 -0.77
CA GLY A 323 4.25 -5.41 -0.04
C GLY A 323 3.79 -4.26 -0.90
N ILE A 324 3.31 -3.23 -0.23
CA ILE A 324 2.70 -2.11 -0.92
C ILE A 324 2.95 -0.85 -0.12
N ASN A 325 3.01 0.27 -0.82
CA ASN A 325 3.03 1.56 -0.17
C ASN A 325 2.09 2.52 -0.87
N PHE A 326 0.96 2.83 -0.23
CA PHE A 326 0.01 3.79 -0.74
C PHE A 326 0.49 5.20 -0.51
N HIS A 327 0.69 5.93 -1.61
CA HIS A 327 1.14 7.32 -1.51
C HIS A 327 0.12 8.26 -0.85
N GLY A 328 0.63 9.30 -0.20
CA GLY A 328 -0.25 10.20 0.49
C GLY A 328 0.47 11.39 1.10
N GLY A 329 -0.20 12.00 2.06
CA GLY A 329 0.32 13.19 2.73
C GLY A 329 -0.64 14.36 2.66
N GLY A 330 -0.39 15.35 3.54
CA GLY A 330 -1.28 16.49 3.70
C GLY A 330 -2.76 16.15 3.69
N TYR A 331 -3.48 16.81 2.77
CA TYR A 331 -4.93 16.57 2.60
C TYR A 331 -5.19 16.13 1.17
N GLY A 332 -4.19 15.49 0.59
CA GLY A 332 -4.22 15.05 -0.80
C GLY A 332 -5.49 14.26 -1.08
N TRP A 333 -6.08 14.45 -2.25
CA TRP A 333 -7.28 13.69 -2.60
C TRP A 333 -7.20 12.17 -2.36
N TYR A 334 -6.06 11.55 -2.62
CA TYR A 334 -5.94 10.11 -2.39
C TYR A 334 -5.26 9.67 -1.10
N THR A 335 -4.98 10.60 -0.18
CA THR A 335 -4.22 10.17 0.97
C THR A 335 -5.04 9.21 1.85
N PRO A 336 -4.42 8.14 2.35
CA PRO A 336 -5.08 7.27 3.33
C PRO A 336 -5.36 8.02 4.64
N VAL A 337 -4.37 8.76 5.15
CA VAL A 337 -4.51 9.58 6.37
C VAL A 337 -4.28 11.04 6.05
N ALA A 338 -5.21 11.90 6.49
CA ALA A 338 -5.08 13.33 6.18
C ALA A 338 -4.87 14.09 7.48
N GLY A 339 -4.22 15.25 7.40
CA GLY A 339 -4.11 16.09 8.58
C GLY A 339 -2.72 16.68 8.80
N THR A 340 -2.56 17.29 9.97
CA THR A 340 -1.31 17.96 10.34
C THR A 340 -1.09 17.83 11.85
N PRO A 341 0.17 17.98 12.29
CA PRO A 341 0.41 17.88 13.75
C PRO A 341 -0.34 18.96 14.53
N GLU A 342 -0.66 20.08 13.89
CA GLU A 342 -1.35 21.19 14.54
C GLU A 342 -2.88 21.00 14.64
N ASP A 343 -3.50 20.45 13.59
CA ASP A 343 -4.95 20.33 13.51
C ASP A 343 -5.46 18.91 13.78
N GLY A 344 -4.54 17.96 13.83
CA GLY A 344 -4.94 16.56 14.01
C GLY A 344 -5.13 15.81 12.69
N PHE A 345 -5.24 14.49 12.81
CA PHE A 345 -5.31 13.56 11.67
C PHE A 345 -6.60 12.75 11.66
N ILE A 346 -7.02 12.35 10.47
CA ILE A 346 -8.27 11.61 10.29
C ILE A 346 -8.06 10.56 9.21
N ALA A 347 -8.79 9.44 9.32
CA ALA A 347 -8.73 8.42 8.29
C ALA A 347 -9.67 8.83 7.16
N ARG A 348 -9.14 8.88 5.95
CA ARG A 348 -9.96 9.10 4.75
C ARG A 348 -10.55 7.75 4.30
N PRO A 349 -11.48 7.77 3.33
CA PRO A 349 -12.11 6.51 2.92
C PRO A 349 -11.13 5.42 2.53
N GLU A 350 -10.09 5.75 1.75
CA GLU A 350 -9.15 4.72 1.33
C GLU A 350 -8.57 3.93 2.52
N TYR A 351 -8.36 4.60 3.66
CA TYR A 351 -7.85 3.94 4.87
C TYR A 351 -8.64 2.69 5.24
N TYR A 352 -9.95 2.73 5.05
CA TYR A 352 -10.79 1.60 5.50
C TYR A 352 -10.54 0.30 4.69
N GLY A 353 -10.13 0.43 3.42
CA GLY A 353 -9.72 -0.77 2.66
C GLY A 353 -8.45 -1.37 3.25
N MET A 354 -7.52 -0.51 3.65
CA MET A 354 -6.29 -0.97 4.27
C MET A 354 -6.57 -1.58 5.64
N LEU A 355 -7.55 -1.01 6.34
CA LEU A 355 -7.98 -1.49 7.65
C LEU A 355 -8.58 -2.89 7.55
N LEU A 356 -9.40 -3.13 6.52
CA LEU A 356 -9.92 -4.51 6.31
C LEU A 356 -8.75 -5.50 6.20
N PHE A 357 -7.74 -5.15 5.39
CA PHE A 357 -6.54 -5.96 5.26
C PHE A 357 -5.84 -6.17 6.59
N ALA A 358 -5.68 -5.09 7.36
CA ALA A 358 -5.04 -5.13 8.67
C ALA A 358 -5.75 -6.12 9.58
N GLN A 359 -7.07 -6.02 9.61
CA GLN A 359 -7.90 -6.88 10.46
C GLN A 359 -7.83 -8.34 10.05
N ALA A 360 -7.69 -8.59 8.74
CA ALA A 360 -7.52 -9.95 8.24
C ALA A 360 -6.20 -10.56 8.71
N GLY A 361 -5.13 -9.77 8.68
CA GLY A 361 -3.83 -10.20 9.20
C GLY A 361 -2.97 -10.99 8.21
N ALA A 362 -1.82 -11.42 8.69
CA ALA A 362 -0.85 -12.16 7.89
C ALA A 362 -1.26 -13.62 7.75
N GLY A 363 -0.64 -14.33 6.81
CA GLY A 363 -0.91 -15.76 6.66
C GLY A 363 -0.56 -16.25 5.27
N GLN A 364 -1.22 -17.30 4.83
CA GLN A 364 -0.97 -17.83 3.49
C GLN A 364 -2.26 -17.88 2.67
N LEU A 365 -2.23 -17.29 1.48
CA LEU A 365 -3.36 -17.32 0.58
C LEU A 365 -3.69 -18.73 0.14
N LEU A 366 -4.98 -18.96 -0.09
CA LEU A 366 -5.52 -20.26 -0.46
C LEU A 366 -6.23 -20.12 -1.79
N GLY A 367 -6.40 -21.22 -2.52
CA GLY A 367 -7.22 -21.20 -3.74
C GLY A 367 -8.65 -20.78 -3.45
N ALA A 368 -9.17 -19.87 -4.28
CA ALA A 368 -10.55 -19.41 -4.13
C ALA A 368 -11.06 -18.97 -5.48
N LYS A 369 -11.89 -19.82 -6.11
CA LYS A 369 -12.41 -19.55 -7.46
C LYS A 369 -13.86 -19.10 -7.47
N LEU A 370 -14.13 -17.99 -8.16
CA LEU A 370 -15.50 -17.54 -8.38
C LEU A 370 -16.09 -18.15 -9.65
N THR A 371 -17.38 -18.51 -9.60
CA THR A 371 -18.12 -19.05 -10.74
C THR A 371 -19.49 -18.40 -10.82
N ASP A 372 -20.17 -18.60 -11.96
CA ASP A 372 -21.49 -18.01 -12.23
C ASP A 372 -21.50 -16.51 -11.95
N ASN A 373 -20.41 -15.84 -12.32
CA ASN A 373 -20.20 -14.45 -11.93
C ASN A 373 -20.05 -13.51 -13.12
N SER A 374 -20.47 -13.95 -14.30
CA SER A 374 -20.41 -13.08 -15.49
C SER A 374 -21.33 -11.86 -15.39
N ALA A 375 -22.44 -11.97 -14.65
CA ALA A 375 -23.30 -10.82 -14.39
C ALA A 375 -22.81 -10.01 -13.18
N ALA A 376 -21.74 -10.46 -12.51
CA ALA A 376 -21.18 -9.69 -11.38
C ALA A 376 -19.65 -9.71 -11.49
N PRO A 377 -19.12 -9.25 -12.64
CA PRO A 377 -17.74 -9.55 -13.00
C PRO A 377 -16.68 -8.85 -12.16
N LEU A 378 -17.06 -7.80 -11.43
CA LEU A 378 -16.13 -6.98 -10.66
C LEU A 378 -16.08 -7.40 -9.18
N LEU A 379 -16.80 -8.46 -8.83
CA LEU A 379 -16.62 -9.05 -7.48
C LEU A 379 -15.28 -9.79 -7.46
N THR A 380 -14.45 -9.51 -6.44
CA THR A 380 -13.23 -10.26 -6.18
C THR A 380 -13.29 -10.86 -4.76
N ALA A 381 -12.55 -11.96 -4.58
CA ALA A 381 -12.51 -12.72 -3.32
C ALA A 381 -11.20 -13.42 -3.14
N TYR A 382 -10.67 -13.39 -1.92
CA TYR A 382 -9.38 -13.96 -1.59
C TYR A 382 -9.53 -14.73 -0.29
N ALA A 383 -9.03 -15.97 -0.26
CA ALA A 383 -9.09 -16.78 0.95
C ALA A 383 -7.71 -16.87 1.56
N LEU A 384 -7.65 -16.90 2.89
CA LEU A 384 -6.39 -16.82 3.59
C LEU A 384 -6.42 -17.78 4.79
N ARG A 385 -5.37 -18.57 5.00
CA ARG A 385 -5.23 -19.25 6.29
C ARG A 385 -4.34 -18.35 7.13
N GLY A 386 -4.93 -17.74 8.15
CA GLY A 386 -4.21 -16.80 8.98
C GLY A 386 -3.13 -17.49 9.79
N THR A 387 -2.20 -16.70 10.31
CA THR A 387 -1.12 -17.22 11.15
C THR A 387 -1.70 -18.05 12.31
N ASP A 388 -2.85 -17.63 12.83
CA ASP A 388 -3.52 -18.32 13.92
C ASP A 388 -4.29 -19.57 13.49
N GLY A 389 -4.27 -19.88 12.21
CA GLY A 389 -4.89 -21.09 11.67
C GLY A 389 -6.33 -20.95 11.20
N ARG A 390 -6.95 -19.80 11.50
CA ARG A 390 -8.32 -19.56 11.09
C ARG A 390 -8.39 -19.08 9.65
N THR A 391 -9.37 -19.58 8.92
CA THR A 391 -9.63 -19.16 7.55
C THR A 391 -10.33 -17.81 7.56
N ARG A 392 -9.84 -16.89 6.73
CA ARG A 392 -10.52 -15.65 6.46
C ARG A 392 -10.81 -15.54 4.97
N ILE A 393 -11.84 -14.77 4.64
CA ILE A 393 -12.12 -14.44 3.25
C ILE A 393 -12.40 -12.95 3.13
N ALA A 394 -11.64 -12.27 2.26
CA ALA A 394 -11.90 -10.85 1.98
C ALA A 394 -12.60 -10.79 0.64
N LEU A 395 -13.73 -10.11 0.60
CA LEU A 395 -14.51 -9.97 -0.64
C LEU A 395 -14.73 -8.50 -0.93
N PHE A 396 -14.62 -8.13 -2.21
CA PHE A 396 -14.87 -6.78 -2.63
C PHE A 396 -15.90 -6.85 -3.74
N ASN A 397 -17.14 -6.52 -3.38
CA ASN A 397 -18.17 -6.37 -4.39
C ASN A 397 -18.05 -5.00 -5.07
N LYS A 398 -17.12 -4.91 -6.02
CA LYS A 398 -16.84 -3.67 -6.74
C LYS A 398 -17.86 -3.42 -7.87
N ASN A 399 -18.78 -4.37 -8.08
CA ASN A 399 -19.92 -4.08 -8.95
C ASN A 399 -20.75 -2.94 -8.36
N LEU A 400 -20.84 -1.83 -9.10
CA LEU A 400 -21.52 -0.67 -8.56
C LEU A 400 -23.03 -0.79 -8.56
N ASP A 401 -23.54 -1.69 -9.40
CA ASP A 401 -24.97 -1.82 -9.59
C ASP A 401 -25.60 -3.16 -9.22
N ALA A 402 -24.78 -4.15 -8.87
CA ALA A 402 -25.29 -5.50 -8.63
C ALA A 402 -25.00 -5.94 -7.20
N ASP A 403 -26.04 -6.32 -6.45
CA ASP A 403 -25.86 -7.09 -5.20
C ASP A 403 -25.54 -8.53 -5.59
N VAL A 404 -24.86 -9.23 -4.69
CA VAL A 404 -24.51 -10.62 -4.92
C VAL A 404 -24.91 -11.50 -3.75
N GLU A 405 -25.16 -12.76 -4.07
CA GLU A 405 -25.34 -13.82 -3.08
CA GLU A 405 -25.31 -13.77 -3.05
C GLU A 405 -24.25 -14.83 -3.36
N VAL A 406 -23.31 -14.97 -2.41
CA VAL A 406 -22.12 -15.80 -2.60
C VAL A 406 -22.24 -17.15 -1.87
N ALA A 407 -22.30 -18.24 -2.65
CA ALA A 407 -22.32 -19.62 -2.10
C ALA A 407 -20.90 -20.08 -1.92
N ILE A 408 -20.46 -20.08 -0.66
CA ILE A 408 -19.09 -20.38 -0.32
C ILE A 408 -18.97 -21.86 0.04
N SER A 409 -18.10 -22.56 -0.68
CA SER A 409 -17.80 -23.94 -0.31
C SER A 409 -16.33 -24.11 0.04
N GLY A 410 -15.99 -25.24 0.67
CA GLY A 410 -14.58 -25.58 0.94
C GLY A 410 -14.03 -25.05 2.25
N VAL A 411 -14.91 -24.45 3.05
CA VAL A 411 -14.57 -23.96 4.38
C VAL A 411 -15.39 -24.74 5.38
N ALA A 412 -14.70 -25.55 6.14
CA ALA A 412 -15.32 -26.28 7.24
C ALA A 412 -15.04 -25.57 8.54
N SER A 413 -16.11 -25.11 9.15
CA SER A 413 -16.02 -24.39 10.38
C SER A 413 -17.45 -24.44 10.88
N PRO A 414 -17.64 -24.45 12.20
CA PRO A 414 -19.02 -24.40 12.64
C PRO A 414 -19.68 -23.06 12.27
N SER A 415 -18.88 -22.00 12.08
CA SER A 415 -19.45 -20.67 11.92
C SER A 415 -18.43 -19.63 11.51
N GLY A 416 -18.93 -18.55 10.95
CA GLY A 416 -18.07 -17.43 10.61
C GLY A 416 -18.73 -16.15 11.08
N THR A 417 -17.93 -15.09 11.17
CA THR A 417 -18.49 -13.76 11.43
C THR A 417 -18.08 -12.91 10.26
N VAL A 418 -18.89 -11.91 9.96
CA VAL A 418 -18.55 -10.99 8.90
C VAL A 418 -18.46 -9.57 9.46
N LEU A 419 -17.43 -8.86 9.01
CA LEU A 419 -17.29 -7.43 9.25
C LEU A 419 -17.46 -6.77 7.88
N ARG A 420 -18.39 -5.83 7.82
CA ARG A 420 -18.73 -5.19 6.55
C ARG A 420 -17.95 -3.91 6.34
N LEU A 421 -17.52 -3.69 5.09
CA LEU A 421 -16.90 -2.44 4.66
C LEU A 421 -17.95 -1.70 3.82
N GLU A 422 -18.45 -0.58 4.32
CA GLU A 422 -19.65 0.04 3.76
C GLU A 422 -19.66 1.57 3.74
N ALA A 423 -20.39 2.14 2.76
CA ALA A 423 -20.86 3.54 2.79
C ALA A 423 -22.22 3.57 2.06
N PRO A 424 -23.08 4.58 2.34
CA PRO A 424 -24.42 4.57 1.70
C PRO A 424 -24.42 4.76 0.17
N ARG A 425 -23.32 5.25 -0.38
CA ARG A 425 -23.15 5.47 -1.81
C ARG A 425 -21.66 5.38 -2.13
N ALA A 426 -21.36 4.90 -3.33
CA ALA A 426 -19.99 4.61 -3.73
C ALA A 426 -19.10 5.87 -3.82
N ASP A 427 -19.72 7.01 -4.07
CA ASP A 427 -19.00 8.29 -4.17
C ASP A 427 -19.00 9.13 -2.88
N ASP A 428 -19.41 8.55 -1.76
CA ASP A 428 -19.44 9.29 -0.51
C ASP A 428 -18.02 9.62 -0.07
N THR A 429 -17.81 10.85 0.40
CA THR A 429 -16.50 11.28 0.89
C THR A 429 -16.39 11.07 2.41
N THR A 430 -17.52 10.65 3.00
CA THR A 430 -17.59 10.34 4.41
C THR A 430 -18.55 9.14 4.63
N ASP A 431 -19.02 8.95 5.86
CA ASP A 431 -20.03 7.93 6.20
C ASP A 431 -19.49 6.53 5.99
N VAL A 432 -18.16 6.37 6.05
CA VAL A 432 -17.53 5.08 5.79
C VAL A 432 -17.35 4.35 7.12
N THR A 433 -17.75 3.09 7.15
CA THR A 433 -17.56 2.30 8.37
C THR A 433 -16.97 0.93 8.06
N PHE A 434 -16.25 0.34 9.02
CA PHE A 434 -15.82 -1.04 8.89
C PHE A 434 -16.20 -1.76 10.19
N GLY A 435 -16.89 -2.89 10.05
CA GLY A 435 -17.40 -3.60 11.22
C GLY A 435 -18.33 -2.71 11.99
N GLY A 436 -19.12 -1.91 11.27
CA GLY A 436 -20.11 -1.05 11.92
C GLY A 436 -19.57 0.14 12.73
N ALA A 437 -18.32 0.52 12.50
CA ALA A 437 -17.72 1.64 13.25
C ALA A 437 -16.81 2.49 12.37
N PRO A 438 -16.82 3.82 12.59
CA PRO A 438 -15.76 4.63 12.00
C PRO A 438 -14.42 4.45 12.75
N VAL A 439 -13.32 4.79 12.09
CA VAL A 439 -12.04 4.97 12.77
C VAL A 439 -12.06 6.32 13.52
N GLY A 440 -11.60 6.31 14.77
CA GLY A 440 -11.60 7.51 15.60
C GLY A 440 -10.26 8.24 15.59
N ALA A 441 -9.97 8.98 16.66
CA ALA A 441 -8.69 9.69 16.76
C ALA A 441 -7.54 8.71 16.88
N SER A 442 -6.37 9.07 16.33
CA SER A 442 -5.12 8.28 16.46
C SER A 442 -5.30 6.82 16.05
N GLY A 443 -6.16 6.57 15.05
CA GLY A 443 -6.30 5.20 14.57
C GLY A 443 -7.16 4.28 15.41
N SER A 444 -7.84 4.81 16.43
CA SER A 444 -8.66 3.94 17.26
CA SER A 444 -8.70 3.97 17.28
C SER A 444 -9.84 3.30 16.49
N TRP A 445 -9.98 2.00 16.63
CA TRP A 445 -11.02 1.25 15.90
C TRP A 445 -11.27 -0.07 16.60
N SER A 446 -12.56 -0.38 16.80
CA SER A 446 -13.01 -1.67 17.33
C SER A 446 -14.31 -2.00 16.61
N PRO A 447 -14.52 -3.29 16.25
CA PRO A 447 -15.79 -3.59 15.58
C PRO A 447 -16.99 -3.50 16.51
N LEU A 448 -18.08 -2.92 16.01
CA LEU A 448 -19.32 -2.75 16.76
C LEU A 448 -20.51 -3.49 16.16
N VAL A 449 -20.37 -3.91 14.90
CA VAL A 449 -21.36 -4.74 14.25
C VAL A 449 -20.64 -5.89 13.58
N GLN A 450 -20.98 -7.09 14.00
CA GLN A 450 -20.28 -8.30 13.56
C GLN A 450 -21.29 -9.44 13.48
N GLU A 451 -21.80 -9.70 12.26
CA GLU A 451 -22.86 -10.69 12.07
CA GLU A 451 -22.86 -10.69 12.00
C GLU A 451 -22.34 -12.11 11.93
N TYR A 452 -23.16 -13.09 12.33
N TYR A 452 -23.20 -13.03 12.36
CA TYR A 452 -22.78 -14.51 12.19
CA TYR A 452 -23.10 -14.45 12.03
C TYR A 452 -23.11 -15.06 10.82
C TYR A 452 -23.31 -14.56 10.50
N VAL A 453 -22.42 -16.13 10.42
N VAL A 453 -22.55 -15.45 9.85
CA VAL A 453 -22.89 -16.96 9.32
CA VAL A 453 -22.71 -15.77 8.42
C VAL A 453 -22.77 -18.39 9.85
C VAL A 453 -23.69 -16.92 8.16
N PRO A 454 -23.91 -19.09 9.97
N PRO A 454 -24.73 -16.68 7.34
CA PRO A 454 -23.84 -20.50 10.26
CA PRO A 454 -25.79 -17.69 7.15
C PRO A 454 -23.51 -21.26 8.99
C PRO A 454 -25.27 -19.01 6.58
N GLY A 455 -22.74 -22.34 9.12
N GLY A 455 -25.99 -20.10 6.85
CA GLY A 455 -22.39 -23.17 7.97
CA GLY A 455 -25.59 -21.42 6.38
C GLY A 455 -22.49 -24.65 8.26
C GLY A 455 -24.89 -22.23 7.46
N HIS A 456 -22.51 -25.43 7.19
N HIS A 456 -24.15 -23.26 7.03
CA HIS A 456 -22.59 -26.88 7.27
CA HIS A 456 -23.39 -24.10 7.95
C HIS A 456 -21.88 -27.49 6.07
C HIS A 456 -22.08 -24.62 7.32
N SER A 457 -21.16 -28.58 6.29
N SER A 457 -21.27 -25.31 8.12
CA SER A 457 -20.44 -29.28 5.22
CA SER A 457 -20.03 -25.90 7.61
C SER A 457 -19.43 -28.38 4.50
C SER A 457 -20.24 -26.46 6.20
N GLY A 458 -19.06 -27.27 5.12
N GLY A 458 -19.37 -26.06 5.27
CA GLY A 458 -18.10 -26.34 4.52
CA GLY A 458 -19.40 -26.62 3.93
C GLY A 458 -18.77 -25.20 3.75
C GLY A 458 -20.22 -25.86 2.92
N GLN A 459 -20.10 -25.22 3.79
N GLN A 459 -21.24 -25.13 3.37
CA GLN A 459 -20.92 -24.31 2.99
CA GLN A 459 -22.02 -24.30 2.47
C GLN A 459 -21.63 -23.20 3.78
C GLN A 459 -22.48 -23.05 3.20
N PHE A 460 -21.64 -22.01 3.19
CA PHE A 460 -22.04 -20.76 3.82
C PHE A 460 -22.59 -19.94 2.67
N VAL A 461 -23.53 -19.04 2.97
CA VAL A 461 -24.08 -18.18 1.93
C VAL A 461 -24.02 -16.74 2.44
N LEU A 462 -23.39 -15.86 1.67
CA LEU A 462 -23.20 -14.49 2.12
C LEU A 462 -23.80 -13.53 1.10
N HIS A 463 -24.69 -12.67 1.55
CA HIS A 463 -25.18 -11.59 0.70
C HIS A 463 -24.22 -10.39 0.81
N MET A 464 -24.02 -9.65 -0.28
CA MET A 464 -23.29 -8.39 -0.21
C MET A 464 -24.03 -7.37 -1.10
N ARG A 465 -24.32 -6.20 -0.54
CA ARG A 465 -24.86 -5.09 -1.33
C ARG A 465 -23.88 -4.72 -2.42
N LYS A 466 -24.40 -4.07 -3.46
CA LYS A 466 -23.55 -3.46 -4.47
C LYS A 466 -22.56 -2.51 -3.77
N ALA A 467 -21.39 -2.33 -4.38
CA ALA A 467 -20.34 -1.39 -3.89
C ALA A 467 -20.11 -1.55 -2.37
N SER A 468 -19.68 -2.75 -1.99
CA SER A 468 -19.40 -3.04 -0.58
C SER A 468 -18.29 -4.07 -0.46
N GLY A 469 -17.73 -4.15 0.75
CA GLY A 469 -16.70 -5.15 1.06
C GLY A 469 -17.11 -5.98 2.29
N ALA A 470 -16.38 -7.06 2.50
CA ALA A 470 -16.65 -7.95 3.64
C ALA A 470 -15.40 -8.71 4.02
N LEU A 471 -15.18 -8.87 5.32
CA LEU A 471 -14.16 -9.77 5.81
C LEU A 471 -14.82 -10.86 6.63
N LEU A 472 -14.63 -12.11 6.22
CA LEU A 472 -15.21 -13.24 6.95
C LEU A 472 -14.10 -13.85 7.75
N GLU A 473 -14.36 -14.14 9.02
CA GLU A 473 -13.42 -14.93 9.83
C GLU A 473 -14.13 -16.15 10.35
N PHE A 474 -13.56 -17.31 10.11
CA PHE A 474 -14.22 -18.55 10.49
C PHE A 474 -13.64 -19.13 11.75
N ALA A 475 -14.52 -19.73 12.55
CA ALA A 475 -14.11 -20.33 13.82
C ALA A 475 -13.28 -21.60 13.60
N LYS A 476 -12.39 -21.90 14.54
CA LYS A 476 -11.74 -23.22 14.57
C LYS A 476 -12.79 -24.31 14.77
N LEU A 477 -12.47 -25.54 14.37
CA LEU A 477 -13.34 -26.66 14.71
C LEU A 477 -13.10 -27.05 16.18
N ALA A 478 -14.15 -27.46 16.87
CA ALA A 478 -14.06 -28.05 18.22
C ALA A 478 -13.17 -27.24 19.20
N ALA A 479 -13.26 -25.92 19.12
CA ALA A 479 -12.40 -25.04 19.93
C ALA A 479 -13.14 -24.23 21.01
N ALA A 480 -14.37 -24.61 21.32
CA ALA A 480 -15.19 -23.83 22.26
C ALA A 480 -14.55 -23.68 23.63
N LEU A 481 -13.85 -24.73 24.07
CA LEU A 481 -13.20 -24.74 25.38
C LEU A 481 -11.68 -24.47 25.33
N GLN A 482 -11.26 -23.73 24.30
CA GLN A 482 -9.85 -23.33 24.13
C GLN A 482 -9.42 -22.24 25.13
N HIS A 483 -8.20 -22.37 25.65
CA HIS A 483 -7.59 -21.38 26.55
C HIS A 483 -6.75 -20.37 25.77
#